data_3LQM
#
_entry.id   3LQM
#
_cell.length_a   124.839
_cell.length_b   124.839
_cell.length_c   84.223
_cell.angle_alpha   90.00
_cell.angle_beta   90.00
_cell.angle_gamma   120.00
#
_symmetry.space_group_name_H-M   'P 6'
#
loop_
_entity.id
_entity.type
_entity.pdbx_description
1 polymer 'Interleukin-10 receptor subunit beta'
2 non-polymer 'SULFATE ION'
3 non-polymer GLYCEROL
4 water water
#
_entity_poly.entity_id   1
_entity_poly.type   'polypeptide(L)'
_entity_poly.pdbx_seq_one_letter_code
;MVPPPENVRMNSVNFKNILQWESPAFAKGQLTFTAQYLSYRIFQDKCMQTTLTECDFSSLSKYGDHTLRVRAEFADEHSD
WVQITFSPVDDTIIGPPGMQVEVLADCLHMRFLAPKIENEYETWTMKNVYNSWTYNVQYWKQGTDEKFQITPQYDFEVLR
NLEPWTTYCVQVRGFLPDRNKAGEWSEPVCEQTTHDETVPS
;
_entity_poly.pdbx_strand_id   A,B
#
loop_
_chem_comp.id
_chem_comp.type
_chem_comp.name
_chem_comp.formula
GOL non-polymer GLYCEROL 'C3 H8 O3'
SO4 non-polymer 'SULFATE ION' 'O4 S -2'
#
# COMPACT_ATOMS: atom_id res chain seq x y z
N MET A 1 -64.16 -13.20 -3.60
CA MET A 1 -63.18 -13.08 -2.48
C MET A 1 -61.81 -13.60 -2.90
N VAL A 2 -60.78 -12.81 -2.66
CA VAL A 2 -59.41 -13.14 -3.00
C VAL A 2 -58.53 -13.03 -1.73
N PRO A 3 -57.83 -14.11 -1.37
CA PRO A 3 -56.99 -14.04 -0.18
C PRO A 3 -55.79 -13.11 -0.44
N PRO A 4 -55.30 -12.43 0.62
CA PRO A 4 -54.18 -11.51 0.49
C PRO A 4 -52.80 -12.16 0.39
N PRO A 5 -51.80 -11.42 -0.10
CA PRO A 5 -50.43 -11.92 -0.24
C PRO A 5 -49.97 -12.27 1.18
N GLU A 6 -49.15 -13.30 1.34
CA GLU A 6 -48.69 -13.70 2.66
C GLU A 6 -47.22 -13.38 2.90
N ASN A 7 -46.86 -13.30 4.18
CA ASN A 7 -45.51 -12.99 4.62
C ASN A 7 -44.91 -11.86 3.80
N VAL A 8 -45.59 -10.72 3.80
CA VAL A 8 -45.13 -9.57 3.06
C VAL A 8 -43.99 -8.90 3.83
N ARG A 9 -42.88 -8.65 3.15
CA ARG A 9 -41.74 -8.00 3.80
C ARG A 9 -40.84 -7.27 2.83
N MET A 10 -40.13 -6.29 3.35
CA MET A 10 -39.19 -5.53 2.55
C MET A 10 -37.81 -6.19 2.70
N ASN A 11 -37.21 -6.53 1.57
CA ASN A 11 -35.89 -7.15 1.54
C ASN A 11 -35.03 -6.05 0.93
N SER A 12 -34.37 -5.29 1.80
CA SER A 12 -33.56 -4.16 1.35
C SER A 12 -32.11 -4.28 1.80
N VAL A 13 -31.21 -4.32 0.82
CA VAL A 13 -29.78 -4.40 1.05
C VAL A 13 -29.12 -3.38 0.12
N ASN A 14 -28.29 -2.50 0.69
CA ASN A 14 -27.60 -1.48 -0.08
C ASN A 14 -28.56 -0.65 -0.94
N PHE A 15 -29.74 -0.38 -0.37
CA PHE A 15 -30.73 0.44 -1.03
C PHE A 15 -31.43 -0.19 -2.24
N LYS A 16 -31.29 -1.50 -2.41
CA LYS A 16 -32.00 -2.20 -3.46
C LYS A 16 -33.17 -2.69 -2.62
N ASN A 17 -34.31 -2.02 -2.75
CA ASN A 17 -35.48 -2.31 -1.94
C ASN A 17 -36.48 -3.22 -2.64
N ILE A 18 -36.47 -4.51 -2.32
CA ILE A 18 -37.38 -5.44 -2.95
C ILE A 18 -38.51 -5.84 -2.02
N LEU A 19 -39.74 -5.44 -2.34
CA LEU A 19 -40.89 -5.87 -1.54
C LEU A 19 -41.15 -7.30 -2.05
N GLN A 20 -41.33 -8.25 -1.15
CA GLN A 20 -41.55 -9.66 -1.50
C GLN A 20 -42.69 -10.24 -0.68
N TRP A 21 -43.34 -11.27 -1.24
CA TRP A 21 -44.44 -11.94 -0.56
C TRP A 21 -44.53 -13.37 -1.04
N GLU A 22 -45.48 -14.10 -0.47
CA GLU A 22 -45.75 -15.48 -0.83
C GLU A 22 -47.17 -15.52 -1.42
N SER A 23 -47.39 -16.31 -2.47
CA SER A 23 -48.73 -16.40 -3.08
C SER A 23 -49.62 -17.20 -2.13
N PRO A 24 -50.82 -16.73 -1.84
CA PRO A 24 -51.70 -17.49 -0.93
C PRO A 24 -52.29 -18.67 -1.66
N ALA A 25 -52.79 -19.66 -0.93
CA ALA A 25 -53.40 -20.84 -1.55
C ALA A 25 -54.64 -20.32 -2.28
N PHE A 26 -54.83 -20.73 -3.53
CA PHE A 26 -55.97 -20.24 -4.33
C PHE A 26 -56.34 -21.27 -5.40
N ALA A 27 -57.63 -21.60 -5.51
CA ALA A 27 -58.05 -22.62 -6.47
C ALA A 27 -58.57 -22.18 -7.85
N LYS A 28 -59.00 -20.95 -7.99
CA LYS A 28 -59.57 -20.47 -9.25
C LYS A 28 -58.67 -20.14 -10.46
N GLY A 29 -57.38 -19.89 -10.23
CA GLY A 29 -56.50 -19.56 -11.36
C GLY A 29 -55.26 -18.78 -10.97
N GLN A 30 -54.64 -18.11 -11.93
CA GLN A 30 -53.42 -17.33 -11.71
C GLN A 30 -53.69 -15.98 -11.03
N LEU A 31 -53.06 -15.74 -9.90
CA LEU A 31 -53.21 -14.45 -9.22
C LEU A 31 -52.19 -13.48 -9.76
N THR A 32 -52.51 -12.19 -9.72
CA THR A 32 -51.55 -11.16 -10.10
C THR A 32 -51.51 -10.27 -8.84
N PHE A 33 -50.57 -9.35 -8.77
CA PHE A 33 -50.44 -8.52 -7.59
C PHE A 33 -50.17 -7.08 -7.96
N THR A 34 -50.67 -6.19 -7.11
CA THR A 34 -50.44 -4.77 -7.31
C THR A 34 -49.83 -4.22 -6.02
N ALA A 35 -48.70 -3.54 -6.17
CA ALA A 35 -48.00 -2.97 -5.03
C ALA A 35 -47.92 -1.47 -5.28
N GLN A 36 -48.10 -0.69 -4.21
CA GLN A 36 -48.08 0.78 -4.28
C GLN A 36 -47.25 1.42 -3.16
N TYR A 37 -46.90 2.69 -3.33
CA TYR A 37 -46.20 3.45 -2.31
C TYR A 37 -46.98 4.77 -2.13
N LEU A 38 -46.92 5.35 -0.95
CA LEU A 38 -47.64 6.59 -0.67
C LEU A 38 -46.83 7.80 -1.15
N SER A 39 -47.48 8.67 -1.92
CA SER A 39 -46.86 9.89 -2.44
C SER A 39 -47.79 11.05 -2.04
N TYR A 40 -47.39 11.79 -1.01
CA TYR A 40 -48.18 12.87 -0.44
C TYR A 40 -49.38 12.21 0.22
N ARG A 41 -50.58 12.38 -0.29
CA ARG A 41 -51.68 11.71 0.38
C ARG A 41 -52.34 10.57 -0.41
N ILE A 42 -51.81 10.26 -1.58
CA ILE A 42 -52.40 9.16 -2.34
C ILE A 42 -51.41 8.10 -2.82
N PHE A 43 -51.84 6.84 -2.72
CA PHE A 43 -51.02 5.72 -3.13
C PHE A 43 -50.88 5.65 -4.63
N GLN A 44 -49.66 5.45 -5.10
CA GLN A 44 -49.35 5.34 -6.53
C GLN A 44 -48.88 3.90 -6.80
N ASP A 45 -49.26 3.35 -7.95
CA ASP A 45 -48.85 2.00 -8.32
C ASP A 45 -47.37 1.94 -8.68
N LYS A 46 -46.70 0.89 -8.24
CA LYS A 46 -45.30 0.73 -8.61
C LYS A 46 -45.30 -0.44 -9.60
N CYS A 47 -45.98 -1.52 -9.22
CA CYS A 47 -46.09 -2.70 -10.06
C CYS A 47 -47.59 -2.96 -10.16
N MET A 48 -48.12 -3.01 -11.38
CA MET A 48 -49.56 -3.24 -11.52
C MET A 48 -49.84 -4.61 -12.13
N GLN A 49 -50.54 -5.45 -11.38
CA GLN A 49 -50.89 -6.80 -11.82
C GLN A 49 -49.69 -7.62 -12.32
N THR A 50 -48.64 -7.65 -11.51
CA THR A 50 -47.46 -8.44 -11.87
C THR A 50 -47.80 -9.89 -11.56
N THR A 51 -47.19 -10.81 -12.28
CA THR A 51 -47.38 -12.22 -12.03
C THR A 51 -46.28 -12.72 -11.06
N LEU A 52 -45.32 -11.85 -10.75
CA LEU A 52 -44.21 -12.24 -9.86
C LEU A 52 -44.53 -12.04 -8.37
N THR A 53 -43.68 -12.57 -7.49
CA THR A 53 -43.89 -12.43 -6.06
C THR A 53 -43.00 -11.35 -5.43
N GLU A 54 -42.56 -10.39 -6.23
CA GLU A 54 -41.78 -9.27 -5.70
C GLU A 54 -41.91 -8.07 -6.60
N CYS A 55 -41.55 -6.91 -6.05
CA CYS A 55 -41.62 -5.64 -6.79
C CYS A 55 -40.44 -4.82 -6.32
N ASP A 56 -39.73 -4.26 -7.29
CA ASP A 56 -38.56 -3.43 -7.02
C ASP A 56 -38.95 -2.00 -6.64
N PHE A 57 -38.67 -1.61 -5.40
CA PHE A 57 -38.96 -0.26 -4.90
C PHE A 57 -37.66 0.56 -4.72
N SER A 58 -36.64 0.26 -5.51
CA SER A 58 -35.37 0.97 -5.39
C SER A 58 -35.44 2.47 -5.72
N SER A 59 -36.46 2.89 -6.45
CA SER A 59 -36.61 4.30 -6.80
C SER A 59 -37.14 5.19 -5.66
N LEU A 60 -37.55 4.59 -4.54
CA LEU A 60 -38.03 5.37 -3.40
C LEU A 60 -36.91 6.27 -2.87
N SER A 61 -37.22 7.51 -2.53
CA SER A 61 -36.21 8.43 -2.00
C SER A 61 -35.55 7.74 -0.81
N LYS A 62 -34.22 7.78 -0.78
CA LYS A 62 -33.50 7.10 0.30
C LYS A 62 -33.73 7.70 1.68
N TYR A 63 -34.10 8.97 1.75
CA TYR A 63 -34.29 9.63 3.03
C TYR A 63 -35.71 9.71 3.56
N GLY A 64 -36.69 9.44 2.71
CA GLY A 64 -38.07 9.50 3.16
C GLY A 64 -38.52 8.36 4.06
N ASP A 65 -39.68 8.56 4.68
CA ASP A 65 -40.29 7.55 5.54
C ASP A 65 -41.47 7.08 4.69
N HIS A 66 -41.37 5.88 4.16
CA HIS A 66 -42.39 5.38 3.25
C HIS A 66 -43.38 4.38 3.78
N THR A 67 -44.53 4.34 3.11
CA THR A 67 -45.59 3.41 3.43
C THR A 67 -45.88 2.69 2.12
N LEU A 68 -45.90 1.37 2.16
CA LEU A 68 -46.11 0.59 0.96
C LEU A 68 -47.21 -0.42 1.22
N ARG A 69 -47.90 -0.84 0.17
CA ARG A 69 -48.95 -1.84 0.32
C ARG A 69 -49.11 -2.67 -0.95
N VAL A 70 -49.58 -3.89 -0.78
CA VAL A 70 -49.73 -4.79 -1.92
C VAL A 70 -50.96 -5.67 -1.72
N ARG A 71 -51.60 -6.04 -2.82
CA ARG A 71 -52.76 -6.93 -2.74
C ARG A 71 -52.74 -7.90 -3.91
N ALA A 72 -53.52 -8.96 -3.80
CA ALA A 72 -53.63 -9.94 -4.86
C ALA A 72 -54.90 -9.60 -5.63
N GLU A 73 -54.92 -10.00 -6.91
CA GLU A 73 -56.07 -9.76 -7.80
C GLU A 73 -56.37 -10.98 -8.68
N PHE A 74 -57.65 -11.14 -9.01
CA PHE A 74 -58.10 -12.22 -9.87
C PHE A 74 -59.40 -11.80 -10.53
N ALA A 75 -59.46 -11.86 -11.85
CA ALA A 75 -60.66 -11.43 -12.57
C ALA A 75 -60.83 -9.97 -12.17
N ASP A 76 -62.03 -9.59 -11.74
CA ASP A 76 -62.25 -8.21 -11.33
C ASP A 76 -62.27 -8.03 -9.82
N GLU A 77 -61.85 -9.07 -9.10
CA GLU A 77 -61.83 -9.00 -7.65
C GLU A 77 -60.41 -8.73 -7.18
N HIS A 78 -60.29 -8.32 -5.93
CA HIS A 78 -58.99 -8.08 -5.35
C HIS A 78 -59.10 -8.33 -3.85
N SER A 79 -57.97 -8.63 -3.24
CA SER A 79 -57.90 -8.89 -1.81
C SER A 79 -57.74 -7.57 -1.05
N ASP A 80 -57.67 -7.67 0.26
CA ASP A 80 -57.44 -6.51 1.12
C ASP A 80 -55.98 -6.15 0.87
N TRP A 81 -55.60 -4.93 1.27
CA TRP A 81 -54.23 -4.50 1.13
C TRP A 81 -53.45 -5.00 2.34
N VAL A 82 -52.16 -5.26 2.13
CA VAL A 82 -51.27 -5.64 3.22
C VAL A 82 -50.26 -4.50 3.16
N GLN A 83 -50.17 -3.73 4.25
CA GLN A 83 -49.30 -2.55 4.31
C GLN A 83 -48.11 -2.61 5.27
N ILE A 84 -47.00 -1.98 4.92
CA ILE A 84 -45.83 -1.92 5.79
C ILE A 84 -45.24 -0.52 5.67
N THR A 85 -44.33 -0.18 6.59
CA THR A 85 -43.64 1.11 6.59
C THR A 85 -42.15 0.83 6.45
N PHE A 86 -41.42 1.77 5.86
CA PHE A 86 -40.01 1.54 5.59
C PHE A 86 -39.25 2.85 5.37
N SER A 87 -38.09 3.00 6.02
CA SER A 87 -37.24 4.19 5.87
C SER A 87 -35.88 3.69 5.39
N PRO A 88 -35.59 3.81 4.09
CA PRO A 88 -34.31 3.35 3.53
C PRO A 88 -33.02 3.65 4.30
N VAL A 89 -32.73 4.92 4.56
CA VAL A 89 -31.49 5.25 5.28
C VAL A 89 -31.37 4.58 6.64
N ASP A 90 -32.50 4.27 7.28
CA ASP A 90 -32.44 3.63 8.58
C ASP A 90 -32.62 2.12 8.54
N ASP A 91 -33.42 1.63 7.60
CA ASP A 91 -33.73 0.20 7.51
C ASP A 91 -32.94 -0.68 6.51
N THR A 92 -32.38 -0.10 5.46
CA THR A 92 -31.64 -0.95 4.52
C THR A 92 -30.45 -1.59 5.22
N ILE A 93 -30.13 -2.82 4.84
CA ILE A 93 -28.98 -3.47 5.42
C ILE A 93 -27.73 -3.01 4.67
N ILE A 94 -26.68 -2.66 5.40
CA ILE A 94 -25.44 -2.25 4.74
C ILE A 94 -24.61 -3.52 4.62
N GLY A 95 -24.45 -4.01 3.40
CA GLY A 95 -23.69 -5.24 3.19
C GLY A 95 -22.20 -5.05 3.36
N PRO A 96 -21.42 -6.14 3.35
CA PRO A 96 -19.97 -6.06 3.50
C PRO A 96 -19.25 -5.36 2.36
N PRO A 97 -18.19 -4.61 2.66
CA PRO A 97 -17.47 -3.95 1.57
C PRO A 97 -16.66 -5.04 0.90
N GLY A 98 -16.15 -4.75 -0.30
CA GLY A 98 -15.29 -5.70 -0.96
C GLY A 98 -13.88 -5.44 -0.42
N MET A 99 -12.94 -6.33 -0.68
CA MET A 99 -11.59 -6.14 -0.18
C MET A 99 -10.55 -6.91 -0.97
N GLN A 100 -9.48 -6.20 -1.31
CA GLN A 100 -8.35 -6.78 -2.04
C GLN A 100 -7.16 -6.68 -1.09
N VAL A 101 -6.54 -7.82 -0.79
CA VAL A 101 -5.38 -7.84 0.11
C VAL A 101 -4.15 -8.32 -0.64
N GLU A 102 -3.04 -7.61 -0.45
CA GLU A 102 -1.77 -7.95 -1.07
C GLU A 102 -0.68 -8.02 -0.01
N VAL A 103 0.24 -8.95 -0.17
CA VAL A 103 1.33 -9.10 0.79
C VAL A 103 2.61 -8.48 0.24
N LEU A 104 3.18 -7.54 0.98
CA LEU A 104 4.43 -6.92 0.57
C LEU A 104 5.40 -7.17 1.70
N ALA A 105 6.42 -8.00 1.45
CA ALA A 105 7.40 -8.33 2.46
C ALA A 105 6.66 -8.93 3.66
N ASP A 106 6.87 -8.36 4.84
CA ASP A 106 6.22 -8.86 6.06
C ASP A 106 5.04 -7.96 6.39
N CYS A 107 4.32 -7.56 5.35
CA CYS A 107 3.21 -6.64 5.54
C CYS A 107 1.96 -6.95 4.73
N LEU A 108 0.79 -6.60 5.25
CA LEU A 108 -0.47 -6.81 4.55
C LEU A 108 -1.06 -5.47 4.11
N HIS A 109 -1.24 -5.31 2.80
CA HIS A 109 -1.80 -4.08 2.25
C HIS A 109 -3.22 -4.36 1.77
N MET A 110 -4.16 -3.49 2.08
CA MET A 110 -5.52 -3.70 1.61
C MET A 110 -6.22 -2.46 1.06
N ARG A 111 -7.09 -2.70 0.09
CA ARG A 111 -7.92 -1.68 -0.55
C ARG A 111 -9.38 -2.13 -0.31
N PHE A 112 -10.23 -1.20 0.11
CA PHE A 112 -11.63 -1.53 0.38
C PHE A 112 -12.55 -1.04 -0.74
N LEU A 113 -13.54 -1.85 -1.08
CA LEU A 113 -14.51 -1.49 -2.12
C LEU A 113 -15.85 -1.19 -1.48
N ALA A 114 -16.29 0.06 -1.55
CA ALA A 114 -17.59 0.43 -0.98
C ALA A 114 -18.71 -0.28 -1.72
N PRO A 115 -19.69 -0.85 -1.00
CA PRO A 115 -20.78 -1.54 -1.69
C PRO A 115 -21.41 -0.60 -2.72
N LYS A 116 -21.69 -1.11 -3.91
CA LYS A 116 -22.29 -0.29 -4.95
C LYS A 116 -23.81 -0.17 -4.82
N ILE A 117 -24.38 0.77 -5.57
CA ILE A 117 -25.81 0.99 -5.58
C ILE A 117 -26.24 1.31 -7.01
N GLU A 118 -26.80 0.32 -7.70
CA GLU A 118 -27.24 0.52 -9.09
C GLU A 118 -28.64 1.12 -9.17
N ASN A 119 -28.70 2.41 -9.52
CA ASN A 119 -29.96 3.11 -9.63
C ASN A 119 -30.44 3.19 -11.08
N GLU A 120 -29.77 2.44 -11.96
CA GLU A 120 -30.10 2.40 -13.39
C GLU A 120 -29.95 3.75 -14.08
N TYR A 121 -29.29 4.69 -13.41
CA TYR A 121 -29.07 6.03 -13.95
C TYR A 121 -27.68 6.53 -13.58
N GLU A 122 -27.31 6.36 -12.31
CA GLU A 122 -26.01 6.78 -11.83
C GLU A 122 -25.35 5.65 -11.05
N THR A 123 -24.03 5.58 -11.12
CA THR A 123 -23.28 4.56 -10.39
C THR A 123 -22.81 5.15 -9.06
N TRP A 124 -23.60 4.91 -8.02
CA TRP A 124 -23.30 5.40 -6.69
C TRP A 124 -22.82 4.28 -5.78
N THR A 125 -22.23 4.67 -4.65
CA THR A 125 -21.77 3.71 -3.64
C THR A 125 -22.26 4.31 -2.33
N MET A 126 -22.10 3.57 -1.24
CA MET A 126 -22.53 4.03 0.07
C MET A 126 -21.93 5.40 0.43
N LYS A 127 -20.76 5.70 -0.13
CA LYS A 127 -20.10 6.97 0.13
C LYS A 127 -20.90 8.16 -0.40
N ASN A 128 -21.57 7.98 -1.53
CA ASN A 128 -22.38 9.06 -2.10
C ASN A 128 -23.66 9.30 -1.30
N VAL A 129 -24.07 8.31 -0.52
CA VAL A 129 -25.30 8.44 0.25
C VAL A 129 -25.04 8.93 1.68
N TYR A 130 -24.04 8.33 2.33
CA TYR A 130 -23.68 8.69 3.69
C TYR A 130 -22.39 9.52 3.71
N ASN A 131 -22.49 10.75 4.22
CA ASN A 131 -21.33 11.63 4.28
C ASN A 131 -20.25 11.25 5.29
N SER A 132 -20.63 10.54 6.35
CA SER A 132 -19.63 10.16 7.36
C SER A 132 -19.18 8.72 7.22
N TRP A 133 -19.40 8.15 6.05
CA TRP A 133 -19.03 6.77 5.79
C TRP A 133 -17.57 6.49 6.16
N THR A 134 -17.35 5.40 6.90
CA THR A 134 -16.00 5.02 7.26
C THR A 134 -15.89 3.51 7.35
N TYR A 135 -14.66 3.02 7.39
CA TYR A 135 -14.43 1.59 7.47
C TYR A 135 -13.91 1.19 8.83
N ASN A 136 -14.20 -0.05 9.22
CA ASN A 136 -13.72 -0.62 10.46
C ASN A 136 -13.03 -1.89 10.03
N VAL A 137 -11.78 -2.07 10.45
CA VAL A 137 -11.04 -3.26 10.13
C VAL A 137 -10.77 -4.00 11.42
N GLN A 138 -10.75 -5.32 11.32
CA GLN A 138 -10.50 -6.18 12.45
C GLN A 138 -9.67 -7.35 11.93
N TYR A 139 -8.59 -7.66 12.64
CA TYR A 139 -7.71 -8.73 12.22
C TYR A 139 -7.14 -9.50 13.40
N TRP A 140 -6.58 -10.67 13.11
CA TRP A 140 -5.99 -11.49 14.16
C TRP A 140 -5.09 -12.53 13.54
N LYS A 141 -4.13 -12.99 14.34
CA LYS A 141 -3.21 -14.03 13.91
C LYS A 141 -4.04 -15.29 13.85
N GLN A 142 -3.94 -16.03 12.75
CA GLN A 142 -4.74 -17.25 12.61
C GLN A 142 -4.46 -18.17 13.78
N GLY A 143 -5.52 -18.66 14.41
CA GLY A 143 -5.37 -19.53 15.55
C GLY A 143 -5.70 -18.81 16.84
N THR A 144 -4.99 -17.73 17.11
CA THR A 144 -5.20 -16.94 18.32
C THR A 144 -6.66 -16.50 18.48
N ASP A 145 -6.95 -15.79 19.55
CA ASP A 145 -8.32 -15.31 19.80
C ASP A 145 -8.41 -13.80 20.00
N GLU A 146 -7.26 -13.15 20.14
CA GLU A 146 -7.24 -11.70 20.32
C GLU A 146 -7.43 -10.96 19.01
N LYS A 147 -8.52 -10.22 18.91
CA LYS A 147 -8.84 -9.45 17.71
C LYS A 147 -8.50 -7.99 17.91
N PHE A 148 -7.80 -7.41 16.94
CA PHE A 148 -7.39 -6.02 17.01
C PHE A 148 -8.28 -5.16 16.10
N GLN A 149 -8.67 -4.00 16.60
CA GLN A 149 -9.53 -3.08 15.88
C GLN A 149 -8.79 -1.85 15.36
N ILE A 150 -9.07 -1.46 14.11
CA ILE A 150 -8.46 -0.27 13.53
C ILE A 150 -9.46 0.43 12.61
N THR A 151 -9.39 1.75 12.56
CA THR A 151 -10.29 2.52 11.71
C THR A 151 -9.47 3.34 10.73
N PRO A 152 -9.37 2.85 9.48
CA PRO A 152 -8.62 3.52 8.42
C PRO A 152 -9.17 4.93 8.21
N GLN A 153 -8.32 5.81 7.69
CA GLN A 153 -8.71 7.19 7.43
C GLN A 153 -9.34 7.28 6.04
N TYR A 154 -8.90 6.41 5.14
CA TYR A 154 -9.41 6.38 3.78
C TYR A 154 -9.85 4.96 3.40
N ASP A 155 -9.87 4.66 2.11
CA ASP A 155 -10.34 3.36 1.64
C ASP A 155 -9.24 2.31 1.46
N PHE A 156 -8.22 2.36 2.31
CA PHE A 156 -7.12 1.39 2.23
C PHE A 156 -6.49 1.31 3.60
N GLU A 157 -5.66 0.30 3.81
CA GLU A 157 -4.98 0.15 5.09
C GLU A 157 -3.70 -0.68 4.95
N VAL A 158 -2.73 -0.37 5.80
CA VAL A 158 -1.48 -1.11 5.78
C VAL A 158 -1.17 -1.57 7.18
N LEU A 159 -1.14 -2.88 7.36
CA LEU A 159 -0.83 -3.46 8.67
C LEU A 159 0.67 -3.62 8.74
N ARG A 160 1.32 -2.75 9.51
CA ARG A 160 2.76 -2.78 9.66
C ARG A 160 3.12 -3.43 10.98
N ASN A 161 4.40 -3.74 11.16
CA ASN A 161 4.88 -4.35 12.39
C ASN A 161 4.35 -5.77 12.63
N LEU A 162 4.02 -6.48 11.55
CA LEU A 162 3.53 -7.86 11.69
C LEU A 162 4.69 -8.84 11.59
N GLU A 163 4.52 -10.03 12.13
CA GLU A 163 5.57 -11.05 12.09
C GLU A 163 5.69 -11.69 10.72
N PRO A 164 6.94 -11.95 10.28
CA PRO A 164 7.16 -12.58 8.97
C PRO A 164 6.63 -14.00 8.91
N TRP A 165 6.41 -14.49 7.69
CA TRP A 165 5.89 -15.84 7.46
C TRP A 165 4.79 -16.26 8.44
N THR A 166 3.95 -15.30 8.83
CA THR A 166 2.85 -15.54 9.75
C THR A 166 1.50 -15.32 9.05
N THR A 167 0.50 -16.10 9.44
CA THR A 167 -0.81 -15.98 8.81
C THR A 167 -1.78 -15.16 9.65
N TYR A 168 -2.33 -14.12 9.04
CA TYR A 168 -3.28 -13.25 9.72
C TYR A 168 -4.62 -13.27 8.98
N CYS A 169 -5.69 -13.01 9.70
CA CYS A 169 -7.01 -13.00 9.08
C CYS A 169 -7.59 -11.61 9.29
N VAL A 170 -8.16 -11.06 8.23
CA VAL A 170 -8.71 -9.69 8.27
C VAL A 170 -10.15 -9.59 7.76
N GLN A 171 -10.91 -8.72 8.39
CA GLN A 171 -12.30 -8.45 8.04
C GLN A 171 -12.50 -6.95 7.98
N VAL A 172 -13.48 -6.52 7.20
CA VAL A 172 -13.79 -5.10 7.10
C VAL A 172 -15.30 -4.90 7.03
N ARG A 173 -15.76 -3.75 7.53
CA ARG A 173 -17.18 -3.44 7.48
C ARG A 173 -17.31 -1.93 7.36
N GLY A 174 -18.47 -1.48 6.88
CA GLY A 174 -18.70 -0.05 6.80
C GLY A 174 -19.25 0.37 8.15
N PHE A 175 -19.12 1.65 8.48
CA PHE A 175 -19.61 2.18 9.75
C PHE A 175 -19.98 3.65 9.57
N LEU A 176 -21.11 4.04 10.17
CA LEU A 176 -21.61 5.40 10.11
C LEU A 176 -21.58 5.98 11.53
N PRO A 177 -20.50 6.71 11.86
CA PRO A 177 -20.28 7.34 13.17
C PRO A 177 -21.43 8.25 13.60
N ASP A 178 -21.98 9.00 12.65
CA ASP A 178 -23.06 9.93 12.94
C ASP A 178 -24.38 9.26 13.35
N ARG A 179 -24.54 8.00 12.97
CA ARG A 179 -25.77 7.24 13.27
C ARG A 179 -25.48 6.00 14.11
N ASN A 180 -24.21 5.72 14.36
CA ASN A 180 -23.83 4.55 15.13
C ASN A 180 -24.21 3.25 14.39
N LYS A 181 -24.51 3.35 13.10
CA LYS A 181 -24.91 2.19 12.30
C LYS A 181 -23.72 1.41 11.72
N ALA A 182 -23.63 0.12 12.08
CA ALA A 182 -22.55 -0.72 11.59
C ALA A 182 -23.04 -1.64 10.48
N GLY A 183 -22.24 -1.81 9.44
CA GLY A 183 -22.61 -2.69 8.35
C GLY A 183 -22.16 -4.10 8.67
N GLU A 184 -22.46 -5.05 7.79
CA GLU A 184 -22.05 -6.44 8.03
C GLU A 184 -20.56 -6.59 7.76
N TRP A 185 -19.92 -7.49 8.52
CA TRP A 185 -18.49 -7.80 8.37
C TRP A 185 -18.28 -8.68 7.14
N SER A 186 -17.20 -8.45 6.41
CA SER A 186 -16.89 -9.29 5.26
C SER A 186 -16.41 -10.63 5.82
N GLU A 187 -16.49 -11.69 5.04
CA GLU A 187 -15.99 -12.99 5.52
C GLU A 187 -14.47 -12.79 5.64
N PRO A 188 -13.82 -13.43 6.62
CA PRO A 188 -12.38 -13.26 6.80
C PRO A 188 -11.49 -13.71 5.66
N VAL A 189 -10.45 -12.93 5.40
CA VAL A 189 -9.48 -13.27 4.38
C VAL A 189 -8.20 -13.49 5.17
N CYS A 190 -7.59 -14.64 4.99
CA CYS A 190 -6.36 -14.94 5.71
C CYS A 190 -5.21 -14.99 4.72
N GLU A 191 -4.13 -14.31 5.06
CA GLU A 191 -2.95 -14.27 4.20
C GLU A 191 -1.70 -14.40 5.05
N GLN A 192 -0.69 -15.03 4.49
CA GLN A 192 0.59 -15.21 5.18
C GLN A 192 1.58 -14.15 4.71
N THR A 193 2.12 -13.42 5.67
CA THR A 193 3.13 -12.42 5.37
C THR A 193 4.36 -13.18 4.89
N THR A 194 5.20 -12.56 4.07
CA THR A 194 6.40 -13.23 3.61
C THR A 194 7.60 -12.62 4.33
N HIS A 195 8.65 -12.26 3.58
CA HIS A 195 9.88 -11.73 4.17
C HIS A 195 10.56 -10.67 3.30
N ASP A 196 11.41 -9.84 3.91
CA ASP A 196 12.15 -8.81 3.17
C ASP A 196 12.94 -9.44 2.01
N GLU A 197 13.48 -10.64 2.26
CA GLU A 197 14.28 -11.34 1.26
C GLU A 197 13.47 -11.82 0.05
N THR A 198 12.15 -11.85 0.20
CA THR A 198 11.29 -12.29 -0.89
C THR A 198 11.21 -11.24 -2.00
N VAL A 199 11.38 -9.97 -1.63
CA VAL A 199 11.33 -8.87 -2.60
C VAL A 199 12.30 -9.07 -3.78
N PRO A 200 11.75 -9.23 -4.99
CA PRO A 200 12.50 -9.43 -6.24
C PRO A 200 13.42 -8.27 -6.63
N SER A 201 13.92 -8.35 -7.87
CA SER A 201 14.81 -7.34 -8.44
C SER A 201 15.83 -6.85 -7.43
N MET B 1 64.91 7.89 -8.23
CA MET B 1 63.72 8.14 -7.36
C MET B 1 62.57 7.22 -7.75
N VAL B 2 61.61 7.11 -6.84
CA VAL B 2 60.42 6.27 -7.05
C VAL B 2 59.25 7.23 -7.18
N PRO B 3 58.48 7.14 -8.27
CA PRO B 3 57.33 8.03 -8.45
C PRO B 3 56.16 7.55 -7.58
N PRO B 4 55.35 8.49 -7.06
CA PRO B 4 54.21 8.14 -6.19
C PRO B 4 53.00 7.60 -6.94
N PRO B 5 52.04 7.01 -6.20
CA PRO B 5 50.82 6.46 -6.78
C PRO B 5 50.08 7.64 -7.42
N GLU B 6 49.34 7.38 -8.50
CA GLU B 6 48.60 8.45 -9.16
C GLU B 6 47.08 8.26 -9.10
N ASN B 7 46.37 9.36 -9.19
CA ASN B 7 44.90 9.37 -9.16
C ASN B 7 44.42 8.58 -7.95
N VAL B 8 44.92 8.95 -6.79
CA VAL B 8 44.57 8.30 -5.54
C VAL B 8 43.18 8.74 -5.10
N ARG B 9 42.23 7.82 -5.02
CA ARG B 9 40.90 8.22 -4.57
C ARG B 9 40.16 7.15 -3.78
N MET B 10 39.20 7.59 -2.99
CA MET B 10 38.40 6.68 -2.20
C MET B 10 37.13 6.28 -2.99
N ASN B 11 37.01 5.01 -3.29
CA ASN B 11 35.83 4.49 -3.99
C ASN B 11 35.00 3.87 -2.86
N SER B 12 34.03 4.63 -2.35
CA SER B 12 33.19 4.16 -1.25
C SER B 12 31.71 4.10 -1.60
N VAL B 13 31.15 2.91 -1.52
CA VAL B 13 29.75 2.66 -1.79
C VAL B 13 29.20 1.86 -0.61
N ASN B 14 28.15 2.38 0.02
CA ASN B 14 27.49 1.77 1.17
C ASN B 14 28.48 1.35 2.26
N PHE B 15 29.44 2.24 2.52
CA PHE B 15 30.48 2.07 3.53
C PHE B 15 31.52 0.97 3.25
N LYS B 16 31.53 0.47 2.01
CA LYS B 16 32.57 -0.48 1.61
C LYS B 16 33.60 0.51 1.04
N ASN B 17 34.60 0.88 1.85
CA ASN B 17 35.60 1.90 1.47
C ASN B 17 36.88 1.36 0.83
N ILE B 18 36.98 1.43 -0.49
CA ILE B 18 38.17 0.92 -1.17
C ILE B 18 39.07 2.04 -1.69
N LEU B 19 40.24 2.22 -1.08
CA LEU B 19 41.18 3.24 -1.54
C LEU B 19 41.76 2.67 -2.84
N GLN B 20 41.76 3.46 -3.91
CA GLN B 20 42.28 2.99 -5.20
C GLN B 20 43.26 4.01 -5.77
N TRP B 21 44.14 3.54 -6.65
CA TRP B 21 45.14 4.40 -7.29
C TRP B 21 45.64 3.68 -8.54
N GLU B 22 46.46 4.36 -9.33
CA GLU B 22 47.03 3.80 -10.53
C GLU B 22 48.55 3.76 -10.37
N SER B 23 49.20 2.75 -10.95
CA SER B 23 50.65 2.63 -10.87
C SER B 23 51.28 3.67 -11.79
N PRO B 24 52.30 4.38 -11.32
CA PRO B 24 52.93 5.37 -12.21
C PRO B 24 53.82 4.65 -13.21
N ALA B 25 54.30 5.38 -14.22
CA ALA B 25 55.20 4.77 -15.20
C ALA B 25 56.49 4.50 -14.44
N PHE B 26 57.05 3.31 -14.60
CA PHE B 26 58.29 2.97 -13.90
C PHE B 26 59.06 1.95 -14.72
N ALA B 27 60.23 2.36 -15.21
CA ALA B 27 61.07 1.52 -16.04
C ALA B 27 61.78 0.37 -15.32
N LYS B 28 62.36 0.66 -14.16
CA LYS B 28 63.10 -0.36 -13.40
C LYS B 28 62.44 -1.70 -13.13
N GLY B 29 61.28 -1.70 -12.48
CA GLY B 29 60.63 -2.97 -12.18
C GLY B 29 59.22 -2.85 -11.62
N GLN B 30 58.78 -3.87 -10.91
CA GLN B 30 57.44 -3.86 -10.33
C GLN B 30 57.42 -3.14 -8.98
N LEU B 31 56.57 -2.14 -8.87
CA LEU B 31 56.45 -1.38 -7.63
C LEU B 31 55.50 -2.09 -6.67
N THR B 32 55.60 -1.75 -5.39
CA THR B 32 54.69 -2.29 -4.39
C THR B 32 54.21 -1.04 -3.67
N PHE B 33 53.13 -1.16 -2.89
CA PHE B 33 52.60 0.02 -2.22
C PHE B 33 52.27 -0.21 -0.75
N THR B 34 52.30 0.86 0.04
CA THR B 34 51.95 0.78 1.45
C THR B 34 50.90 1.85 1.69
N ALA B 35 49.79 1.48 2.34
CA ALA B 35 48.72 2.42 2.63
C ALA B 35 48.46 2.46 4.13
N GLN B 36 48.20 3.67 4.64
CA GLN B 36 47.97 3.87 6.07
C GLN B 36 46.82 4.82 6.35
N TYR B 37 46.34 4.82 7.60
CA TYR B 37 45.27 5.74 8.01
C TYR B 37 45.74 6.40 9.31
N LEU B 38 45.31 7.62 9.54
CA LEU B 38 45.70 8.36 10.73
C LEU B 38 44.90 7.94 11.96
N SER B 39 45.62 7.61 13.04
CA SER B 39 45.02 7.20 14.31
C SER B 39 45.52 8.20 15.35
N TYR B 40 44.72 9.22 15.61
CA TYR B 40 45.06 10.30 16.54
C TYR B 40 46.31 11.01 16.07
N ARG B 41 47.45 10.74 16.70
CA ARG B 41 48.68 11.40 16.27
C ARG B 41 49.58 10.57 15.36
N ILE B 42 49.35 9.26 15.27
CA ILE B 42 50.22 8.43 14.44
C ILE B 42 49.50 7.67 13.33
N PHE B 43 50.21 7.43 12.23
CA PHE B 43 49.65 6.70 11.11
C PHE B 43 49.81 5.22 11.38
N GLN B 44 48.76 4.46 11.07
CA GLN B 44 48.75 3.01 11.27
C GLN B 44 48.75 2.33 9.90
N ASP B 45 49.44 1.20 9.79
CA ASP B 45 49.49 0.45 8.55
C ASP B 45 48.18 -0.30 8.28
N LYS B 46 47.85 -0.46 7.01
CA LYS B 46 46.67 -1.20 6.63
C LYS B 46 47.15 -2.29 5.68
N CYS B 47 47.79 -1.88 4.59
CA CYS B 47 48.30 -2.78 3.55
C CYS B 47 49.81 -2.40 3.42
N MET B 48 50.70 -3.39 3.44
CA MET B 48 52.14 -3.10 3.32
C MET B 48 52.82 -3.90 2.22
N GLN B 49 53.52 -3.17 1.35
CA GLN B 49 54.23 -3.77 0.23
C GLN B 49 53.34 -4.65 -0.62
N THR B 50 52.14 -4.16 -0.91
CA THR B 50 51.20 -4.91 -1.76
C THR B 50 51.46 -4.62 -3.24
N THR B 51 51.18 -5.58 -4.10
CA THR B 51 51.35 -5.38 -5.53
C THR B 51 50.02 -4.86 -6.10
N LEU B 52 48.96 -4.94 -5.31
CA LEU B 52 47.65 -4.49 -5.76
C LEU B 52 47.57 -2.98 -5.80
N THR B 53 46.61 -2.46 -6.56
CA THR B 53 46.43 -1.01 -6.65
C THR B 53 45.18 -0.57 -5.89
N GLU B 54 44.89 -1.25 -4.78
CA GLU B 54 43.77 -0.88 -3.93
C GLU B 54 43.97 -1.44 -2.52
N CYS B 55 43.25 -0.86 -1.57
CA CYS B 55 43.34 -1.30 -0.19
C CYS B 55 41.98 -1.10 0.48
N ASP B 56 41.51 -2.12 1.19
CA ASP B 56 40.22 -2.07 1.85
C ASP B 56 40.25 -1.36 3.20
N PHE B 57 39.59 -0.22 3.29
CA PHE B 57 39.51 0.58 4.52
C PHE B 57 38.08 0.57 5.10
N SER B 58 37.33 -0.50 4.86
CA SER B 58 35.95 -0.59 5.37
C SER B 58 35.87 -0.60 6.90
N SER B 59 37.01 -0.85 7.57
CA SER B 59 37.04 -0.88 9.03
C SER B 59 37.08 0.51 9.68
N LEU B 60 37.29 1.56 8.89
CA LEU B 60 37.31 2.93 9.42
C LEU B 60 35.97 3.28 10.06
N SER B 61 35.99 3.98 11.19
CA SER B 61 34.73 4.35 11.84
C SER B 61 33.93 5.24 10.88
N LYS B 62 32.62 4.98 10.79
CA LYS B 62 31.78 5.74 9.88
C LYS B 62 31.66 7.22 10.13
N TYR B 63 31.70 7.61 11.40
CA TYR B 63 31.55 9.02 11.76
C TYR B 63 32.84 9.78 11.94
N GLY B 64 33.98 9.13 11.72
CA GLY B 64 35.24 9.84 11.89
C GLY B 64 35.65 10.60 10.64
N ASP B 65 36.45 11.65 10.82
CA ASP B 65 36.96 12.42 9.70
C ASP B 65 38.37 11.85 9.54
N HIS B 66 38.54 10.99 8.54
CA HIS B 66 39.81 10.34 8.34
C HIS B 66 40.79 10.92 7.36
N THR B 67 42.05 10.53 7.56
CA THR B 67 43.17 10.92 6.71
C THR B 67 43.87 9.64 6.33
N LEU B 68 44.03 9.43 5.03
CA LEU B 68 44.67 8.23 4.52
C LEU B 68 45.85 8.63 3.65
N ARG B 69 46.82 7.74 3.53
CA ARG B 69 47.96 8.03 2.67
C ARG B 69 48.56 6.75 2.10
N VAL B 70 49.12 6.86 0.91
CA VAL B 70 49.71 5.72 0.23
C VAL B 70 50.99 6.17 -0.50
N ARG B 71 51.94 5.25 -0.65
CA ARG B 71 53.19 5.57 -1.36
C ARG B 71 53.65 4.32 -2.10
N ALA B 72 54.56 4.51 -3.05
CA ALA B 72 55.11 3.42 -3.84
C ALA B 72 56.48 3.05 -3.25
N GLU B 73 56.92 1.83 -3.53
CA GLU B 73 58.19 1.35 -3.02
C GLU B 73 58.87 0.42 -4.03
N PHE B 74 60.19 0.51 -4.08
CA PHE B 74 61.01 -0.32 -4.95
C PHE B 74 62.35 -0.47 -4.26
N ALA B 75 62.81 -1.72 -4.14
CA ALA B 75 64.07 -2.00 -3.44
C ALA B 75 63.84 -1.40 -2.05
N ASP B 76 64.74 -0.52 -1.60
CA ASP B 76 64.57 0.08 -0.29
C ASP B 76 64.20 1.56 -0.37
N GLU B 77 63.81 2.00 -1.56
CA GLU B 77 63.43 3.40 -1.76
C GLU B 77 61.91 3.51 -1.75
N HIS B 78 61.42 4.65 -1.28
CA HIS B 78 59.98 4.88 -1.25
C HIS B 78 59.69 6.21 -1.92
N SER B 79 58.47 6.35 -2.44
CA SER B 79 58.06 7.59 -3.07
C SER B 79 57.53 8.50 -1.96
N ASP B 80 57.12 9.70 -2.33
CA ASP B 80 56.53 10.62 -1.36
C ASP B 80 55.14 10.02 -1.05
N TRP B 81 54.53 10.47 0.03
CA TRP B 81 53.20 10.00 0.38
C TRP B 81 52.16 10.81 -0.38
N VAL B 82 51.05 10.18 -0.75
CA VAL B 82 49.96 10.88 -1.39
C VAL B 82 48.83 10.73 -0.37
N GLN B 83 48.39 11.86 0.17
CA GLN B 83 47.37 11.92 1.21
C GLN B 83 46.00 12.45 0.75
N ILE B 84 44.93 11.96 1.38
CA ILE B 84 43.57 12.43 1.08
C ILE B 84 42.78 12.32 2.38
N THR B 85 41.66 13.05 2.44
CA THR B 85 40.78 13.01 3.61
C THR B 85 39.47 12.35 3.19
N PHE B 86 38.78 11.74 4.15
CA PHE B 86 37.56 11.01 3.84
C PHE B 86 36.67 10.87 5.08
N SER B 87 35.41 11.29 4.97
CA SER B 87 34.44 11.16 6.07
C SER B 87 33.34 10.26 5.55
N PRO B 88 33.35 8.97 5.94
CA PRO B 88 32.34 8.00 5.49
C PRO B 88 30.87 8.47 5.48
N VAL B 89 30.32 8.89 6.62
CA VAL B 89 28.91 9.29 6.61
C VAL B 89 28.58 10.41 5.63
N ASP B 90 29.58 11.20 5.25
CA ASP B 90 29.33 12.24 4.30
C ASP B 90 29.74 11.91 2.87
N ASP B 91 30.81 11.14 2.70
CA ASP B 91 31.32 10.83 1.36
C ASP B 91 30.95 9.52 0.70
N THR B 92 30.51 8.53 1.47
CA THR B 92 30.15 7.28 0.83
C THR B 92 28.95 7.48 -0.11
N ILE B 93 28.90 6.70 -1.17
CA ILE B 93 27.79 6.76 -2.09
C ILE B 93 26.71 5.85 -1.50
N ILE B 94 25.52 6.38 -1.31
CA ILE B 94 24.43 5.57 -0.78
C ILE B 94 23.73 4.94 -1.97
N GLY B 95 23.79 3.62 -2.05
CA GLY B 95 23.16 2.91 -3.16
C GLY B 95 21.64 2.94 -3.14
N PRO B 96 21.01 2.39 -4.18
CA PRO B 96 19.54 2.38 -4.24
C PRO B 96 18.89 1.46 -3.23
N PRO B 97 17.71 1.85 -2.72
CA PRO B 97 16.98 1.01 -1.77
C PRO B 97 16.32 -0.09 -2.58
N GLY B 98 15.89 -1.15 -1.90
CA GLY B 98 15.16 -2.20 -2.61
C GLY B 98 13.72 -1.68 -2.65
N MET B 99 12.88 -2.27 -3.50
CA MET B 99 11.50 -1.83 -3.60
C MET B 99 10.59 -2.84 -4.27
N GLN B 100 9.40 -2.99 -3.72
CA GLN B 100 8.38 -3.88 -4.25
C GLN B 100 7.13 -3.02 -4.46
N VAL B 101 6.52 -3.11 -5.64
CA VAL B 101 5.33 -2.34 -5.97
C VAL B 101 4.20 -3.29 -6.37
N GLU B 102 3.01 -3.04 -5.86
CA GLU B 102 1.85 -3.85 -6.21
C GLU B 102 0.69 -2.95 -6.66
N VAL B 103 -0.02 -3.39 -7.69
CA VAL B 103 -1.14 -2.65 -8.24
C VAL B 103 -2.46 -3.08 -7.62
N LEU B 104 -3.12 -2.19 -6.89
CA LEU B 104 -4.44 -2.52 -6.33
C LEU B 104 -5.46 -1.60 -7.02
N ALA B 105 -5.95 -2.07 -8.17
CA ALA B 105 -6.93 -1.33 -8.97
C ALA B 105 -6.36 -0.04 -9.56
N ASP B 106 -6.73 1.09 -8.96
CA ASP B 106 -6.28 2.40 -9.44
C ASP B 106 -5.35 3.08 -8.44
N CYS B 107 -4.52 2.27 -7.80
CA CYS B 107 -3.55 2.78 -6.83
C CYS B 107 -2.34 1.86 -6.85
N LEU B 108 -1.21 2.41 -6.43
CA LEU B 108 0.01 1.63 -6.37
C LEU B 108 0.48 1.61 -4.93
N HIS B 109 0.72 0.42 -4.42
CA HIS B 109 1.23 0.28 -3.07
C HIS B 109 2.68 -0.15 -3.23
N MET B 110 3.57 0.49 -2.48
CA MET B 110 4.97 0.15 -2.57
C MET B 110 5.59 0.07 -1.20
N ARG B 111 6.59 -0.79 -1.08
CA ARG B 111 7.34 -0.98 0.17
C ARG B 111 8.83 -0.83 -0.17
N PHE B 112 9.59 -0.19 0.71
CA PHE B 112 11.03 0.02 0.45
C PHE B 112 11.93 -0.71 1.45
N LEU B 113 13.12 -1.11 0.98
CA LEU B 113 14.10 -1.79 1.82
C LEU B 113 15.40 -0.98 1.82
N ALA B 114 15.89 -0.64 3.00
CA ALA B 114 17.12 0.14 3.11
C ALA B 114 18.36 -0.58 2.58
N PRO B 115 19.28 0.16 1.95
CA PRO B 115 20.52 -0.42 1.41
C PRO B 115 21.28 -1.13 2.52
N LYS B 116 21.79 -2.32 2.21
CA LYS B 116 22.54 -3.10 3.17
C LYS B 116 23.99 -2.65 3.35
N ILE B 117 24.54 -2.93 4.52
CA ILE B 117 25.90 -2.59 4.87
C ILE B 117 26.56 -3.84 5.44
N GLU B 118 27.72 -4.21 4.90
CA GLU B 118 28.45 -5.39 5.37
C GLU B 118 28.72 -5.24 6.87
N ASN B 119 28.49 -6.31 7.61
CA ASN B 119 28.71 -6.34 9.04
C ASN B 119 28.93 -7.79 9.42
N GLU B 120 30.14 -8.08 9.89
CA GLU B 120 30.53 -9.43 10.26
C GLU B 120 29.72 -10.02 11.41
N TYR B 121 29.07 -9.18 12.20
CA TYR B 121 28.33 -9.70 13.34
C TYR B 121 26.81 -9.61 13.35
N GLU B 122 26.24 -8.75 12.51
CA GLU B 122 24.77 -8.63 12.48
C GLU B 122 24.24 -7.96 11.22
N THR B 123 22.95 -8.16 10.97
CA THR B 123 22.31 -7.56 9.81
C THR B 123 22.35 -6.05 10.03
N TRP B 124 22.83 -5.32 9.03
CA TRP B 124 22.99 -3.88 9.14
C TRP B 124 22.51 -3.18 7.86
N THR B 125 21.87 -2.02 8.01
CA THR B 125 21.43 -1.26 6.84
C THR B 125 21.65 0.22 7.12
N MET B 126 21.36 1.06 6.12
CA MET B 126 21.50 2.50 6.27
C MET B 126 20.72 2.99 7.47
N LYS B 127 19.61 2.31 7.80
CA LYS B 127 18.79 2.73 8.94
C LYS B 127 19.49 2.59 10.29
N ASN B 128 20.45 1.67 10.40
CA ASN B 128 21.18 1.49 11.65
C ASN B 128 22.29 2.53 11.80
N VAL B 129 22.62 3.22 10.71
CA VAL B 129 23.68 4.22 10.75
C VAL B 129 23.17 5.64 10.91
N TYR B 130 22.19 6.01 10.09
CA TYR B 130 21.64 7.35 10.09
C TYR B 130 20.27 7.44 10.78
N ASN B 131 20.18 8.19 11.87
CA ASN B 131 18.89 8.34 12.54
C ASN B 131 17.93 9.22 11.76
N SER B 132 18.46 10.03 10.85
CA SER B 132 17.64 10.93 10.06
C SER B 132 17.30 10.37 8.68
N TRP B 133 17.46 9.06 8.51
CA TRP B 133 17.18 8.43 7.22
C TRP B 133 15.70 8.58 6.82
N THR B 134 15.47 8.98 5.58
CA THR B 134 14.11 9.10 5.03
C THR B 134 14.20 8.66 3.57
N TYR B 135 13.05 8.50 2.93
CA TYR B 135 13.02 8.13 1.52
C TYR B 135 12.39 9.26 0.71
N ASN B 136 12.76 9.34 -0.58
CA ASN B 136 12.16 10.27 -1.51
C ASN B 136 11.65 9.31 -2.59
N VAL B 137 10.43 9.55 -3.09
CA VAL B 137 9.86 8.72 -4.14
C VAL B 137 9.46 9.67 -5.27
N GLN B 138 9.73 9.27 -6.51
CA GLN B 138 9.32 10.05 -7.68
C GLN B 138 8.48 9.14 -8.53
N TYR B 139 7.39 9.67 -9.07
CA TYR B 139 6.53 8.89 -9.94
C TYR B 139 6.02 9.75 -11.07
N TRP B 140 5.62 9.08 -12.14
CA TRP B 140 5.13 9.75 -13.33
C TRP B 140 4.44 8.74 -14.24
N LYS B 141 3.63 9.28 -15.15
CA LYS B 141 2.91 8.46 -16.13
C LYS B 141 3.91 8.09 -17.21
N GLN B 142 4.03 6.82 -17.54
CA GLN B 142 4.99 6.42 -18.57
C GLN B 142 4.78 7.21 -19.85
N GLY B 143 5.86 7.67 -20.46
CA GLY B 143 5.75 8.44 -21.69
C GLY B 143 5.47 9.93 -21.54
N THR B 144 5.43 10.43 -20.30
CA THR B 144 5.18 11.85 -20.08
C THR B 144 6.30 12.43 -19.23
N ASP B 145 6.43 13.75 -19.24
CA ASP B 145 7.50 14.38 -18.46
C ASP B 145 7.06 14.90 -17.10
N GLU B 146 5.76 14.92 -16.84
CA GLU B 146 5.26 15.41 -15.57
C GLU B 146 5.64 14.43 -14.45
N LYS B 147 6.51 14.88 -13.54
CA LYS B 147 6.94 14.04 -12.41
C LYS B 147 6.60 14.69 -11.08
N PHE B 148 6.41 13.85 -10.08
CA PHE B 148 6.10 14.29 -8.73
C PHE B 148 7.03 13.59 -7.77
N GLN B 149 7.39 14.29 -6.71
CA GLN B 149 8.24 13.71 -5.68
C GLN B 149 7.54 13.84 -4.34
N ILE B 150 7.63 12.80 -3.53
CA ILE B 150 7.03 12.79 -2.19
C ILE B 150 7.99 12.10 -1.22
N THR B 151 7.85 12.42 0.07
CA THR B 151 8.66 11.84 1.14
C THR B 151 7.75 11.05 2.06
N PRO B 152 7.76 9.72 1.96
CA PRO B 152 6.91 8.86 2.80
C PRO B 152 7.20 9.06 4.31
N GLN B 153 6.19 8.88 5.15
CA GLN B 153 6.43 9.01 6.59
C GLN B 153 7.06 7.72 7.10
N TYR B 154 6.73 6.60 6.46
CA TYR B 154 7.31 5.31 6.85
C TYR B 154 8.02 4.61 5.68
N ASP B 155 8.26 3.32 5.84
CA ASP B 155 8.95 2.50 4.84
C ASP B 155 8.06 2.01 3.70
N PHE B 156 6.95 2.70 3.50
CA PHE B 156 6.02 2.34 2.44
C PHE B 156 5.27 3.57 1.98
N GLU B 157 4.58 3.44 0.86
CA GLU B 157 3.80 4.56 0.32
C GLU B 157 2.65 4.03 -0.51
N VAL B 158 1.59 4.82 -0.58
CA VAL B 158 0.42 4.45 -1.37
C VAL B 158 0.05 5.63 -2.26
N LEU B 159 0.06 5.41 -3.57
CA LEU B 159 -0.31 6.44 -4.53
C LEU B 159 -1.73 6.07 -4.93
N ARG B 160 -2.69 6.93 -4.60
CA ARG B 160 -4.07 6.61 -4.91
C ARG B 160 -4.73 7.51 -5.94
N ASN B 161 -5.96 7.15 -6.31
CA ASN B 161 -6.73 7.90 -7.29
C ASN B 161 -5.97 8.19 -8.58
N LEU B 162 -5.35 7.16 -9.14
CA LEU B 162 -4.59 7.30 -10.37
C LEU B 162 -5.47 7.05 -11.58
N GLU B 163 -5.03 7.45 -12.76
CA GLU B 163 -5.83 7.23 -13.97
C GLU B 163 -5.84 5.74 -14.28
N PRO B 164 -7.02 5.16 -14.56
CA PRO B 164 -7.17 3.74 -14.87
C PRO B 164 -6.46 3.32 -16.14
N TRP B 165 -6.21 2.02 -16.30
CA TRP B 165 -5.54 1.47 -17.47
C TRP B 165 -4.36 2.32 -17.91
N THR B 166 -3.60 2.82 -16.92
CA THR B 166 -2.46 3.67 -17.21
C THR B 166 -1.18 3.15 -16.57
N THR B 167 -0.10 3.20 -17.33
CA THR B 167 1.18 2.76 -16.81
C THR B 167 1.93 3.90 -16.13
N TYR B 168 2.22 3.71 -14.85
CA TYR B 168 2.98 4.67 -14.07
C TYR B 168 4.34 4.07 -13.77
N CYS B 169 5.34 4.92 -13.64
CA CYS B 169 6.67 4.47 -13.30
C CYS B 169 7.05 5.12 -11.98
N VAL B 170 7.80 4.41 -11.17
CA VAL B 170 8.21 4.90 -9.86
C VAL B 170 9.65 4.52 -9.52
N GLN B 171 10.32 5.41 -8.79
CA GLN B 171 11.69 5.18 -8.34
C GLN B 171 11.82 5.74 -6.93
N VAL B 172 12.71 5.15 -6.12
CA VAL B 172 12.95 5.57 -4.75
C VAL B 172 14.45 5.74 -4.46
N ARG B 173 14.77 6.62 -3.51
CA ARG B 173 16.17 6.82 -3.10
C ARG B 173 16.18 7.17 -1.62
N GLY B 174 17.35 7.06 -1.01
CA GLY B 174 17.47 7.42 0.38
C GLY B 174 17.79 8.90 0.37
N PHE B 175 17.46 9.60 1.46
CA PHE B 175 17.73 11.04 1.57
C PHE B 175 17.98 11.39 3.05
N LEU B 176 18.97 12.25 3.27
CA LEU B 176 19.34 12.68 4.62
C LEU B 176 19.23 14.21 4.61
N PRO B 177 18.07 14.75 5.02
CA PRO B 177 17.81 16.19 5.05
C PRO B 177 18.91 17.02 5.71
N ASP B 178 19.20 16.70 6.97
CA ASP B 178 20.21 17.43 7.75
C ASP B 178 21.64 17.39 7.18
N ARG B 179 21.91 16.47 6.26
CA ARG B 179 23.24 16.40 5.63
C ARG B 179 23.17 16.88 4.19
N ASN B 180 21.98 17.22 3.73
CA ASN B 180 21.78 17.64 2.35
C ASN B 180 22.38 16.56 1.44
N LYS B 181 22.15 15.30 1.80
CA LYS B 181 22.71 14.19 1.05
C LYS B 181 21.67 13.22 0.52
N ALA B 182 21.74 12.95 -0.77
CA ALA B 182 20.83 12.04 -1.46
C ALA B 182 21.54 10.78 -1.93
N GLY B 183 20.84 9.65 -1.87
CA GLY B 183 21.40 8.41 -2.35
C GLY B 183 20.99 8.28 -3.81
N GLU B 184 21.46 7.23 -4.47
CA GLU B 184 21.12 6.99 -5.88
C GLU B 184 19.68 6.50 -6.02
N TRP B 185 19.06 6.82 -7.15
CA TRP B 185 17.70 6.37 -7.43
C TRP B 185 17.70 4.90 -7.82
N SER B 186 16.65 4.17 -7.42
CA SER B 186 16.54 2.77 -7.83
C SER B 186 16.17 2.80 -9.32
N GLU B 187 16.24 1.65 -9.98
CA GLU B 187 15.83 1.57 -11.38
C GLU B 187 14.31 1.75 -11.33
N PRO B 188 13.73 2.48 -12.29
CA PRO B 188 12.28 2.68 -12.29
C PRO B 188 11.48 1.39 -12.44
N VAL B 189 10.40 1.26 -11.67
CA VAL B 189 9.52 0.11 -11.80
C VAL B 189 8.25 0.68 -12.42
N CYS B 190 7.79 0.10 -13.51
CA CYS B 190 6.58 0.61 -14.16
C CYS B 190 5.46 -0.45 -14.10
N GLU B 191 4.27 0.00 -13.70
CA GLU B 191 3.12 -0.89 -13.57
C GLU B 191 1.88 -0.20 -14.10
N GLN B 192 0.95 -0.98 -14.64
CA GLN B 192 -0.28 -0.43 -15.18
C GLN B 192 -1.44 -0.59 -14.22
N THR B 193 -2.12 0.50 -13.90
CA THR B 193 -3.27 0.42 -13.02
C THR B 193 -4.40 -0.26 -13.81
N THR B 194 -5.39 -0.76 -13.09
CA THR B 194 -6.52 -1.36 -13.78
C THR B 194 -7.60 -0.29 -13.73
N HIS B 195 -8.59 -0.46 -12.86
CA HIS B 195 -9.67 0.53 -12.75
C HIS B 195 -10.35 0.44 -11.41
N ASP B 196 -11.08 1.48 -11.04
CA ASP B 196 -11.77 1.52 -9.77
C ASP B 196 -12.72 0.33 -9.64
S SO4 C . -9.03 -18.72 13.26
O1 SO4 C . -8.35 -18.67 11.94
O2 SO4 C . -9.06 -20.12 13.72
O3 SO4 C . -8.28 -17.91 14.23
O4 SO4 C . -10.40 -18.21 13.13
S SO4 D . 1.76 -19.33 10.06
O1 SO4 D . 1.52 -20.79 10.04
O2 SO4 D . 1.82 -18.84 8.67
O3 SO4 D . 0.68 -18.67 10.78
O4 SO4 D . 3.05 -19.07 10.74
S SO4 E . -60.12 -0.13 -6.03
O1 SO4 E . -60.34 1.21 -6.60
O2 SO4 E . -59.22 -0.03 -4.86
O3 SO4 E . -61.42 -0.68 -5.58
O4 SO4 E . -59.54 -1.01 -7.05
C1 GOL F . -3.34 4.11 6.87
O1 GOL F . -2.96 3.72 8.19
C2 GOL F . -4.87 4.25 6.80
O2 GOL F . -5.31 5.23 7.74
C3 GOL F . -5.27 4.67 5.38
O3 GOL F . -6.69 4.78 5.28
S SO4 G . 22.45 10.84 12.02
O1 SO4 G . 23.75 11.23 11.45
O2 SO4 G . 21.95 11.94 12.88
O3 SO4 G . 21.48 10.60 10.93
O4 SO4 G . 22.60 9.61 12.83
S SO4 H . 31.20 4.32 13.97
O1 SO4 H . 29.75 4.39 14.28
O2 SO4 H . 31.44 3.42 12.83
O3 SO4 H . 31.68 5.70 13.68
O4 SO4 H . 31.93 3.80 15.15
S SO4 I . 9.57 6.76 -19.48
O1 SO4 I . 9.57 6.06 -20.79
O2 SO4 I . 9.40 5.76 -18.41
O3 SO4 I . 10.86 7.45 -19.31
O4 SO4 I . 8.48 7.73 -19.45
S SO4 J . -0.50 2.77 -20.73
O1 SO4 J . 0.67 2.16 -21.41
O2 SO4 J . -1.01 1.82 -19.71
O3 SO4 J . -0.10 4.03 -20.07
O4 SO4 J . -1.56 3.04 -21.72
S SO4 K . 60.02 5.05 6.62
O1 SO4 K . 60.39 5.25 8.04
O2 SO4 K . 59.21 6.21 6.16
O3 SO4 K . 61.24 4.92 5.81
O4 SO4 K . 59.22 3.80 6.51
S SO4 L . 47.70 12.67 -9.95
O1 SO4 L . 46.46 12.06 -10.45
O2 SO4 L . 48.38 13.38 -11.06
O3 SO4 L . 47.40 13.64 -8.87
O4 SO4 L . 48.60 11.62 -9.42
S SO4 M . 55.92 10.19 9.03
O1 SO4 M . 56.28 9.78 7.65
O2 SO4 M . 55.40 9.03 9.77
O3 SO4 M . 57.12 10.72 9.72
O4 SO4 M . 54.89 11.25 8.98
#